data_4HZI
#
_entry.id   4HZI
#
_cell.length_a   58.256
_cell.length_b   92.512
_cell.length_c   130.579
_cell.angle_alpha   90.00
_cell.angle_beta   90.00
_cell.angle_gamma   90.00
#
_symmetry.space_group_name_H-M   'P 21 21 21'
#
loop_
_entity.id
_entity.type
_entity.pdbx_description
1 polymer 'ABC transporter ATP-binding protein'
2 non-polymer 'SULFATE ION'
3 water water
#
_entity_poly.entity_id   1
_entity_poly.type   'polypeptide(L)'
_entity_poly.pdbx_seq_one_letter_code
;MSYYHHHHHHLESTSLYKKAGSENLYFQGKINSLLSLEKISYKPTGKTILDSVSFEIKTNEHCVLLGRNGAGKSTLVNLI
YGMIWATSGTIRLFQETYGEIAIQDLRKRIGILDSSQQENSIQRKLTVKDTILTGLFHTIGYYRDPSPEEETKTLQILKD
SDLLSKKDQLYNTLSSGEKKKILFLRSIVNEPDFLIMDEPCSSLDLTAREDFLGFLKEYHSKKKFTSLYITHRPEEIPDF
YSKAVLLKEGKVIHFGPIEECFTEKNLEDLYDIPLQVQRIENTWSVIPKQKRTY
;
_entity_poly.pdbx_strand_id   A,B
#
# COMPACT_ATOMS: atom_id res chain seq x y z
N ASN A 32 33.15 -14.68 -2.05
CA ASN A 32 31.72 -14.73 -1.59
C ASN A 32 30.83 -13.53 -2.01
N SER A 33 31.19 -12.88 -3.12
CA SER A 33 30.25 -11.96 -3.78
C SER A 33 29.18 -12.81 -4.45
N LEU A 34 27.92 -12.68 -4.05
CA LEU A 34 26.87 -13.58 -4.57
C LEU A 34 26.14 -12.89 -5.76
N LEU A 35 25.70 -11.68 -5.57
CA LEU A 35 25.09 -10.87 -6.67
C LEU A 35 25.91 -9.59 -6.84
N SER A 36 26.28 -9.27 -8.08
CA SER A 36 26.95 -8.02 -8.32
C SER A 36 26.45 -7.38 -9.60
N LEU A 37 26.18 -6.09 -9.50
CA LEU A 37 25.82 -5.26 -10.66
C LEU A 37 26.87 -4.17 -10.75
N GLU A 38 27.46 -4.02 -11.92
CA GLU A 38 28.43 -2.95 -12.18
C GLU A 38 27.97 -2.12 -13.40
N LYS A 39 27.56 -0.88 -13.11
CA LYS A 39 27.14 0.11 -14.07
C LYS A 39 26.04 -0.41 -14.97
N ILE A 40 25.07 -1.10 -14.38
CA ILE A 40 23.93 -1.64 -15.14
C ILE A 40 23.01 -0.52 -15.61
N SER A 41 22.86 -0.47 -16.93
CA SER A 41 21.97 0.46 -17.53
C SER A 41 20.93 -0.24 -18.40
N TYR A 42 19.76 0.36 -18.49
CA TYR A 42 18.67 -0.18 -19.29
C TYR A 42 17.96 0.99 -20.01
N LYS A 43 18.15 1.04 -21.32
CA LYS A 43 17.56 2.09 -22.17
C LYS A 43 16.97 1.45 -23.46
N PRO A 44 15.80 0.82 -23.33
CA PRO A 44 15.38 -0.01 -24.46
C PRO A 44 14.88 0.81 -25.68
N THR A 45 14.34 2.00 -25.44
CA THR A 45 13.71 2.82 -26.50
C THR A 45 13.86 4.30 -26.23
N GLY A 46 15.08 4.81 -26.27
CA GLY A 46 15.31 6.25 -26.14
C GLY A 46 15.25 6.88 -24.73
N LYS A 47 14.53 6.25 -23.79
CA LYS A 47 14.45 6.73 -22.39
C LYS A 47 15.32 5.83 -21.45
N THR A 48 16.18 6.43 -20.65
CA THR A 48 17.00 5.67 -19.72
C THR A 48 16.15 5.35 -18.46
N ILE A 49 15.85 4.08 -18.28
CA ILE A 49 15.06 3.64 -17.15
C ILE A 49 15.93 3.25 -15.93
N LEU A 50 17.04 2.58 -16.19
CA LEU A 50 18.09 2.36 -15.19
C LEU A 50 19.34 2.98 -15.70
N ASP A 51 20.01 3.73 -14.83
CA ASP A 51 21.24 4.40 -15.21
C ASP A 51 22.45 4.10 -14.33
N SER A 52 23.31 3.23 -14.86
CA SER A 52 24.61 2.87 -14.27
C SER A 52 24.46 2.38 -12.82
N VAL A 53 23.58 1.40 -12.65
CA VAL A 53 23.24 0.87 -11.31
C VAL A 53 24.35 -0.06 -10.85
N SER A 54 24.89 0.25 -9.66
CA SER A 54 25.95 -0.54 -9.09
C SER A 54 25.66 -0.86 -7.62
N PHE A 55 25.74 -2.13 -7.28
CA PHE A 55 25.71 -2.57 -5.91
C PHE A 55 26.10 -4.04 -5.85
N GLU A 56 26.23 -4.58 -4.64
CA GLU A 56 26.51 -6.01 -4.56
C GLU A 56 25.98 -6.60 -3.26
N ILE A 57 25.69 -7.90 -3.27
CA ILE A 57 25.16 -8.57 -2.08
C ILE A 57 26.06 -9.80 -1.91
N LYS A 58 26.62 -9.96 -0.70
CA LYS A 58 27.46 -11.12 -0.42
C LYS A 58 26.61 -12.22 0.18
N THR A 59 27.12 -13.44 0.10
CA THR A 59 26.51 -14.59 0.74
C THR A 59 26.08 -14.26 2.16
N ASN A 60 24.84 -14.58 2.47
CA ASN A 60 24.23 -14.35 3.80
C ASN A 60 24.02 -12.90 4.22
N GLU A 61 24.12 -11.97 3.25
CA GLU A 61 23.66 -10.63 3.49
C GLU A 61 22.16 -10.44 3.13
N HIS A 62 21.57 -9.48 3.83
CA HIS A 62 20.19 -9.11 3.61
C HIS A 62 20.24 -7.60 3.24
N CYS A 63 19.86 -7.32 2.00
CA CYS A 63 19.96 -5.99 1.41
C CYS A 63 18.56 -5.49 1.04
N VAL A 64 18.25 -4.26 1.39
CA VAL A 64 16.99 -3.64 1.01
C VAL A 64 17.22 -2.71 -0.19
N LEU A 65 16.28 -2.73 -1.13
CA LEU A 65 16.22 -1.72 -2.20
C LEU A 65 15.04 -0.82 -1.89
N LEU A 66 15.33 0.40 -1.45
CA LEU A 66 14.31 1.38 -1.07
C LEU A 66 14.22 2.42 -2.18
N GLY A 67 13.03 2.56 -2.76
CA GLY A 67 12.91 3.51 -3.85
C GLY A 67 11.58 4.19 -3.86
N ARG A 68 11.51 5.38 -4.41
CA ARG A 68 10.24 6.06 -4.68
C ARG A 68 9.39 5.30 -5.66
N ASN A 69 8.07 5.55 -5.69
CA ASN A 69 7.34 4.91 -6.81
C ASN A 69 7.78 5.56 -8.12
N GLY A 70 7.90 4.70 -9.10
CA GLY A 70 8.44 5.05 -10.41
C GLY A 70 9.95 5.09 -10.50
N ALA A 71 10.68 4.64 -9.46
CA ALA A 71 12.14 4.72 -9.48
C ALA A 71 12.81 3.69 -10.36
N GLY A 72 12.07 2.67 -10.82
CA GLY A 72 12.65 1.61 -11.57
C GLY A 72 12.83 0.30 -10.85
N LYS A 73 12.26 0.18 -9.65
CA LYS A 73 12.46 -1.01 -8.86
C LYS A 73 11.98 -2.30 -9.60
N SER A 74 10.80 -2.23 -10.17
CA SER A 74 10.24 -3.43 -10.85
C SER A 74 11.10 -3.80 -12.05
N THR A 75 11.57 -2.80 -12.79
CA THR A 75 12.52 -3.07 -13.89
C THR A 75 13.80 -3.75 -13.43
N LEU A 76 14.35 -3.30 -12.31
CA LEU A 76 15.54 -3.87 -11.78
C LEU A 76 15.39 -5.33 -11.39
N VAL A 77 14.25 -5.64 -10.77
CA VAL A 77 13.93 -7.01 -10.33
C VAL A 77 13.85 -7.89 -11.59
N ASN A 78 13.16 -7.37 -12.61
CA ASN A 78 13.06 -8.08 -13.89
C ASN A 78 14.41 -8.38 -14.54
N LEU A 79 15.34 -7.44 -14.44
CA LEU A 79 16.66 -7.61 -14.96
C LEU A 79 17.42 -8.62 -14.12
N ILE A 80 17.34 -8.50 -12.78
CA ILE A 80 17.98 -9.52 -11.93
C ILE A 80 17.42 -10.95 -12.17
N TYR A 81 16.15 -11.08 -12.54
CA TYR A 81 15.54 -12.37 -12.77
C TYR A 81 15.67 -12.85 -14.21
N GLY A 82 16.44 -12.12 -15.02
CA GLY A 82 16.75 -12.51 -16.42
C GLY A 82 15.61 -12.32 -17.40
N MET A 83 14.68 -11.42 -17.09
CA MET A 83 13.48 -11.19 -17.93
C MET A 83 13.72 -10.12 -18.99
N ILE A 84 14.65 -9.21 -18.69
CA ILE A 84 15.14 -8.20 -19.62
C ILE A 84 16.64 -8.16 -19.54
N TRP A 85 17.27 -7.85 -20.66
CA TRP A 85 18.71 -7.72 -20.72
C TRP A 85 19.13 -6.30 -20.51
N ALA A 86 20.24 -6.09 -19.79
CA ALA A 86 20.81 -4.79 -19.62
C ALA A 86 21.29 -4.24 -20.98
N THR A 87 21.19 -2.94 -21.16
CA THR A 87 21.72 -2.31 -22.35
C THR A 87 23.24 -2.12 -22.23
N SER A 88 23.74 -1.94 -21.02
CA SER A 88 25.18 -1.99 -20.80
C SER A 88 25.42 -2.37 -19.35
N GLY A 89 26.70 -2.58 -19.02
CA GLY A 89 27.13 -2.95 -17.68
C GLY A 89 27.15 -4.45 -17.51
N THR A 90 27.53 -4.90 -16.31
CA THR A 90 27.77 -6.29 -16.08
C THR A 90 27.04 -6.74 -14.80
N ILE A 91 26.40 -7.89 -14.87
CA ILE A 91 25.69 -8.47 -13.72
C ILE A 91 26.15 -9.91 -13.60
N ARG A 92 26.44 -10.34 -12.36
CA ARG A 92 26.98 -11.66 -12.13
C ARG A 92 26.27 -12.30 -10.95
N LEU A 93 26.11 -13.61 -11.07
CA LEU A 93 25.77 -14.47 -9.97
C LEU A 93 27.04 -15.23 -9.64
N PHE A 94 27.53 -15.03 -8.43
CA PHE A 94 28.88 -15.48 -8.05
C PHE A 94 29.86 -15.00 -9.12
N GLN A 95 30.67 -15.87 -9.69
CA GLN A 95 31.64 -15.38 -10.66
C GLN A 95 31.14 -15.40 -12.12
N GLU A 96 29.91 -15.83 -12.36
CA GLU A 96 29.43 -15.98 -13.73
C GLU A 96 28.57 -14.79 -14.15
N THR A 97 28.90 -14.17 -15.26
CA THR A 97 28.03 -13.18 -15.85
C THR A 97 26.76 -13.87 -16.34
N TYR A 98 25.72 -13.08 -16.47
CA TYR A 98 24.44 -13.57 -16.92
C TYR A 98 24.53 -14.12 -18.34
N GLY A 99 25.45 -13.59 -19.13
CA GLY A 99 25.72 -14.13 -20.45
C GLY A 99 26.21 -15.57 -20.40
N GLU A 100 26.74 -16.02 -19.26
CA GLU A 100 27.30 -17.36 -19.20
C GLU A 100 26.35 -18.37 -18.65
N ILE A 101 25.16 -17.92 -18.24
CA ILE A 101 24.18 -18.78 -17.60
C ILE A 101 22.92 -18.86 -18.42
N ALA A 102 22.51 -20.07 -18.78
CA ALA A 102 21.18 -20.24 -19.31
C ALA A 102 20.18 -19.64 -18.34
N ILE A 103 19.35 -18.74 -18.84
CA ILE A 103 18.39 -18.03 -17.97
C ILE A 103 17.48 -19.00 -17.22
N GLN A 104 17.07 -20.10 -17.83
CA GLN A 104 16.33 -21.12 -17.06
C GLN A 104 17.08 -21.60 -15.80
N ASP A 105 18.40 -21.71 -15.90
CA ASP A 105 19.21 -22.18 -14.79
C ASP A 105 19.38 -21.09 -13.76
N LEU A 106 19.53 -19.86 -14.24
CA LEU A 106 19.53 -18.69 -13.35
C LEU A 106 18.29 -18.69 -12.47
N ARG A 107 17.12 -18.78 -13.09
CA ARG A 107 15.85 -18.73 -12.36
C ARG A 107 15.60 -19.85 -11.34
N LYS A 108 16.10 -21.03 -11.60
CA LYS A 108 16.10 -22.10 -10.60
C LYS A 108 16.86 -21.67 -9.36
N ARG A 109 17.90 -20.88 -9.54
CA ARG A 109 18.74 -20.39 -8.43
C ARG A 109 18.32 -19.11 -7.66
N ILE A 110 17.30 -18.43 -8.14
CA ILE A 110 16.79 -17.21 -7.52
C ILE A 110 15.34 -17.41 -7.16
N GLY A 111 15.02 -17.40 -5.86
CA GLY A 111 13.61 -17.47 -5.42
C GLY A 111 12.96 -16.11 -5.54
N ILE A 112 11.69 -16.07 -5.91
CA ILE A 112 10.94 -14.84 -5.97
C ILE A 112 9.70 -14.94 -5.16
N LEU A 113 9.48 -13.95 -4.31
CA LEU A 113 8.19 -13.79 -3.64
C LEU A 113 7.53 -12.54 -4.26
N ASP A 114 6.50 -12.76 -5.08
CA ASP A 114 5.70 -11.66 -5.65
C ASP A 114 4.20 -12.01 -5.59
N SER A 115 3.40 -11.06 -5.16
CA SER A 115 2.01 -11.36 -4.80
C SER A 115 1.07 -11.41 -6.00
N SER A 116 1.47 -10.81 -7.11
CA SER A 116 0.70 -10.90 -8.36
C SER A 116 0.85 -12.29 -8.98
N GLN A 117 2.10 -12.72 -9.19
CA GLN A 117 2.38 -14.04 -9.73
C GLN A 117 2.14 -15.11 -8.66
N ARG A 124 -7.55 -21.80 -9.39
CA ARG A 124 -7.01 -21.09 -8.23
C ARG A 124 -7.72 -21.49 -6.92
N LYS A 125 -7.82 -22.81 -6.65
CA LYS A 125 -8.31 -23.36 -5.36
C LYS A 125 -7.42 -24.49 -4.79
N LEU A 126 -6.11 -24.22 -4.69
CA LEU A 126 -5.11 -25.20 -4.27
C LEU A 126 -4.96 -25.20 -2.77
N THR A 127 -4.47 -26.30 -2.21
CA THR A 127 -4.14 -26.36 -0.81
C THR A 127 -2.82 -25.58 -0.56
N VAL A 128 -2.47 -25.41 0.71
CA VAL A 128 -1.17 -24.87 1.13
C VAL A 128 -0.04 -25.71 0.55
N LYS A 129 -0.08 -27.03 0.75
CA LYS A 129 0.99 -27.89 0.24
C LYS A 129 1.09 -27.76 -1.29
N ASP A 130 -0.05 -27.79 -1.95
CA ASP A 130 -0.10 -27.69 -3.40
C ASP A 130 0.52 -26.38 -3.89
N THR A 131 0.23 -25.31 -3.18
CA THR A 131 0.73 -24.00 -3.54
C THR A 131 2.25 -23.98 -3.44
N ILE A 132 2.81 -24.60 -2.42
CA ILE A 132 4.23 -24.65 -2.30
C ILE A 132 4.84 -25.46 -3.45
N LEU A 133 4.20 -26.57 -3.80
CA LEU A 133 4.70 -27.41 -4.86
C LEU A 133 4.69 -26.72 -6.21
N THR A 134 3.75 -25.82 -6.46
CA THR A 134 3.80 -25.07 -7.75
C THR A 134 5.12 -24.31 -7.94
N GLY A 135 5.85 -24.08 -6.86
CA GLY A 135 7.13 -23.41 -6.94
C GLY A 135 8.23 -24.25 -7.53
N LEU A 136 8.04 -25.56 -7.64
CA LEU A 136 9.10 -26.43 -8.20
C LEU A 136 9.47 -26.00 -9.64
N PHE A 137 10.76 -26.11 -9.90
CA PHE A 137 11.43 -25.81 -11.18
C PHE A 137 11.05 -26.83 -12.25
N HIS A 138 10.49 -26.31 -13.34
CA HIS A 138 10.14 -27.13 -14.49
C HIS A 138 11.18 -26.86 -15.58
N THR A 139 11.94 -27.90 -15.95
CA THR A 139 12.79 -27.84 -17.15
C THR A 139 11.88 -27.61 -18.36
N ILE A 140 12.32 -26.72 -19.26
CA ILE A 140 11.46 -26.28 -20.37
C ILE A 140 10.98 -27.50 -21.15
N GLY A 141 9.65 -27.64 -21.25
CA GLY A 141 9.04 -28.74 -22.00
C GLY A 141 8.97 -30.07 -21.27
N TYR A 142 9.53 -30.15 -20.06
CA TYR A 142 9.52 -31.39 -19.28
C TYR A 142 8.80 -31.20 -17.95
N TYR A 143 7.65 -30.52 -17.97
CA TYR A 143 6.83 -30.45 -16.76
C TYR A 143 6.38 -31.86 -16.36
N ARG A 144 6.47 -32.15 -15.06
CA ARG A 144 5.89 -33.38 -14.48
C ARG A 144 5.23 -33.05 -13.13
N ASP A 145 4.19 -33.80 -12.77
CA ASP A 145 3.60 -33.70 -11.43
C ASP A 145 4.67 -33.94 -10.37
N PRO A 146 4.43 -33.45 -9.14
CA PRO A 146 5.36 -33.67 -8.04
C PRO A 146 5.58 -35.14 -7.77
N SER A 147 6.84 -35.51 -7.60
CA SER A 147 7.22 -36.86 -7.24
C SER A 147 6.85 -37.08 -5.79
N PRO A 148 6.73 -38.37 -5.38
CA PRO A 148 6.63 -38.68 -3.95
C PRO A 148 7.69 -37.96 -3.05
N GLU A 149 8.94 -37.92 -3.48
CA GLU A 149 9.98 -37.30 -2.65
C GLU A 149 9.83 -35.76 -2.59
N GLU A 150 9.39 -35.19 -3.69
CA GLU A 150 9.05 -33.76 -3.70
C GLU A 150 7.90 -33.41 -2.73
N GLU A 151 6.84 -34.21 -2.73
CA GLU A 151 5.78 -34.06 -1.72
C GLU A 151 6.33 -34.10 -0.30
N THR A 152 7.22 -35.06 -0.01
CA THR A 152 7.79 -35.20 1.31
C THR A 152 8.64 -33.98 1.68
N LYS A 153 9.39 -33.46 0.72
CA LYS A 153 10.26 -32.31 1.00
C LYS A 153 9.42 -31.05 1.36
N THR A 154 8.30 -30.88 0.69
CA THR A 154 7.39 -29.79 1.01
C THR A 154 6.82 -29.92 2.42
N LEU A 155 6.51 -31.15 2.85
CA LEU A 155 5.98 -31.32 4.20
C LEU A 155 7.06 -31.01 5.19
N GLN A 156 8.29 -31.32 4.87
CA GLN A 156 9.35 -30.98 5.80
C GLN A 156 9.49 -29.44 5.94
N ILE A 157 9.34 -28.74 4.82
CA ILE A 157 9.37 -27.26 4.82
C ILE A 157 8.30 -26.68 5.78
N LEU A 158 7.06 -27.15 5.60
CA LEU A 158 5.97 -26.76 6.50
C LEU A 158 6.30 -27.12 7.93
N LYS A 159 6.81 -28.34 8.17
CA LYS A 159 7.14 -28.71 9.54
C LYS A 159 8.18 -27.78 10.13
N ASP A 160 9.26 -27.53 9.37
CA ASP A 160 10.35 -26.66 9.86
C ASP A 160 9.83 -25.26 10.26
N SER A 161 8.75 -24.80 9.61
CA SER A 161 8.12 -23.50 9.92
C SER A 161 6.81 -23.60 10.70
N ASP A 162 6.54 -24.75 11.31
CA ASP A 162 5.37 -24.91 12.19
C ASP A 162 4.04 -24.62 11.53
N LEU A 163 3.84 -25.16 10.32
CA LEU A 163 2.64 -24.95 9.54
C LEU A 163 2.15 -26.25 8.89
N LEU A 164 2.67 -27.40 9.34
CA LEU A 164 2.29 -28.70 8.75
C LEU A 164 0.80 -28.89 8.95
N SER A 165 0.31 -28.40 10.07
CA SER A 165 -1.10 -28.50 10.40
C SER A 165 -1.99 -27.88 9.34
N LYS A 166 -1.47 -26.95 8.52
CA LYS A 166 -2.30 -26.33 7.46
C LYS A 166 -2.08 -26.92 6.06
N LYS A 167 -1.34 -28.02 5.96
CA LYS A 167 -0.99 -28.58 4.64
C LYS A 167 -2.16 -28.73 3.70
N ASP A 168 -3.32 -29.15 4.21
CA ASP A 168 -4.49 -29.36 3.37
C ASP A 168 -5.47 -28.21 3.42
N GLN A 169 -5.20 -27.18 4.20
CA GLN A 169 -6.07 -26.01 4.18
C GLN A 169 -5.96 -25.30 2.84
N LEU A 170 -7.09 -24.87 2.29
CA LEU A 170 -7.08 -24.14 1.04
C LEU A 170 -6.36 -22.80 1.25
N TYR A 171 -5.54 -22.42 0.26
CA TYR A 171 -4.75 -21.20 0.30
C TYR A 171 -5.66 -19.97 0.41
N ASN A 172 -6.77 -20.00 -0.31
CA ASN A 172 -7.71 -18.90 -0.31
C ASN A 172 -8.44 -18.67 1.01
N THR A 173 -8.32 -19.59 1.96
CA THR A 173 -8.91 -19.37 3.27
C THR A 173 -7.92 -18.85 4.29
N LEU A 174 -6.66 -18.68 3.90
CA LEU A 174 -5.68 -18.14 4.82
C LEU A 174 -5.90 -16.64 5.04
N SER A 175 -5.49 -16.16 6.22
CA SER A 175 -5.41 -14.72 6.50
C SER A 175 -4.38 -14.08 5.53
N SER A 176 -4.45 -12.77 5.35
CA SER A 176 -3.68 -12.13 4.33
C SER A 176 -2.19 -12.27 4.66
N GLY A 177 -1.82 -12.20 5.95
CA GLY A 177 -0.38 -12.33 6.35
C GLY A 177 0.14 -13.76 6.17
N GLU A 178 -0.74 -14.71 6.48
CA GLU A 178 -0.47 -16.14 6.25
C GLU A 178 -0.25 -16.50 4.80
N LYS A 179 -1.00 -15.90 3.86
CA LYS A 179 -0.75 -16.15 2.43
C LYS A 179 0.69 -15.81 2.09
N LYS A 180 1.19 -14.69 2.63
CA LYS A 180 2.56 -14.27 2.32
C LYS A 180 3.58 -15.25 2.89
N LYS A 181 3.31 -15.85 4.06
CA LYS A 181 4.17 -16.89 4.61
C LYS A 181 4.28 -18.05 3.67
N ILE A 182 3.15 -18.45 3.11
CA ILE A 182 3.12 -19.58 2.24
C ILE A 182 3.80 -19.28 0.90
N LEU A 183 3.60 -18.06 0.39
CA LEU A 183 4.36 -17.62 -0.77
C LEU A 183 5.85 -17.58 -0.51
N PHE A 184 6.27 -17.20 0.68
CA PHE A 184 7.67 -17.27 1.02
C PHE A 184 8.18 -18.74 0.94
N LEU A 185 7.40 -19.68 1.49
CA LEU A 185 7.81 -21.09 1.46
C LEU A 185 7.94 -21.59 0.02
N ARG A 186 6.97 -21.22 -0.78
CA ARG A 186 6.98 -21.53 -2.20
C ARG A 186 8.28 -21.04 -2.89
N SER A 187 8.71 -19.84 -2.49
CA SER A 187 9.86 -19.15 -3.09
C SER A 187 11.18 -19.87 -2.76
N ILE A 188 11.19 -20.64 -1.66
CA ILE A 188 12.38 -21.38 -1.28
C ILE A 188 12.33 -22.90 -1.57
N VAL A 189 11.24 -23.36 -2.16
CA VAL A 189 11.06 -24.79 -2.48
C VAL A 189 12.21 -25.40 -3.34
N ASN A 190 12.82 -24.60 -4.23
CA ASN A 190 13.98 -25.08 -5.00
C ASN A 190 15.33 -24.95 -4.30
N GLU A 191 15.37 -24.47 -3.06
CA GLU A 191 16.64 -24.22 -2.38
C GLU A 191 17.57 -23.25 -3.14
N PRO A 192 17.07 -22.03 -3.38
CA PRO A 192 17.82 -21.08 -4.21
C PRO A 192 19.00 -20.46 -3.52
N ASP A 193 19.88 -19.88 -4.30
CA ASP A 193 21.09 -19.21 -3.80
C ASP A 193 20.71 -17.95 -3.06
N PHE A 194 19.70 -17.26 -3.58
CA PHE A 194 19.15 -16.06 -2.98
C PHE A 194 17.66 -15.83 -3.29
N LEU A 195 17.04 -15.00 -2.47
CA LEU A 195 15.63 -14.73 -2.53
C LEU A 195 15.37 -13.26 -2.80
N ILE A 196 14.46 -13.00 -3.73
CA ILE A 196 13.97 -11.66 -3.92
C ILE A 196 12.56 -11.51 -3.39
N MET A 197 12.36 -10.60 -2.44
CA MET A 197 11.03 -10.32 -1.92
C MET A 197 10.59 -8.93 -2.43
N ASP A 198 9.71 -8.96 -3.41
CA ASP A 198 9.30 -7.78 -4.14
C ASP A 198 8.00 -7.22 -3.55
N GLU A 199 8.12 -6.25 -2.64
CA GLU A 199 6.95 -5.60 -2.04
C GLU A 199 6.07 -6.64 -1.31
N PRO A 200 6.68 -7.55 -0.52
CA PRO A 200 5.95 -8.64 0.09
C PRO A 200 4.87 -8.17 1.07
N CYS A 201 4.92 -6.92 1.57
CA CYS A 201 3.85 -6.45 2.47
C CYS A 201 2.67 -5.81 1.75
N SER A 202 2.66 -5.88 0.43
CA SER A 202 1.56 -5.37 -0.36
C SER A 202 0.24 -6.01 0.12
N SER A 203 -0.78 -5.17 0.25
CA SER A 203 -2.11 -5.55 0.68
C SER A 203 -2.19 -5.89 2.15
N LEU A 204 -1.10 -5.72 2.91
CA LEU A 204 -1.16 -6.08 4.31
C LEU A 204 -1.40 -4.84 5.15
N ASP A 205 -2.41 -4.90 6.00
CA ASP A 205 -2.55 -3.89 7.03
C ASP A 205 -1.54 -4.15 8.13
N LEU A 206 -1.56 -3.30 9.14
CA LEU A 206 -0.53 -3.32 10.18
C LEU A 206 -0.43 -4.69 10.91
N THR A 207 -1.58 -5.30 11.16
CA THR A 207 -1.68 -6.55 11.92
C THR A 207 -1.14 -7.70 11.06
N ALA A 208 -1.59 -7.73 9.82
CA ALA A 208 -1.15 -8.74 8.87
C ALA A 208 0.34 -8.60 8.56
N ARG A 209 0.82 -7.37 8.53
CA ARG A 209 2.22 -7.11 8.24
C ARG A 209 3.08 -7.64 9.41
N GLU A 210 2.64 -7.34 10.62
CA GLU A 210 3.30 -7.89 11.81
C GLU A 210 3.35 -9.39 11.83
N ASP A 211 2.28 -10.02 11.44
CA ASP A 211 2.20 -11.47 11.37
C ASP A 211 3.25 -12.04 10.40
N PHE A 212 3.29 -11.48 9.20
CA PHE A 212 4.21 -11.95 8.21
C PHE A 212 5.68 -11.64 8.59
N LEU A 213 5.95 -10.43 9.04
CA LEU A 213 7.29 -10.05 9.41
C LEU A 213 7.81 -10.89 10.58
N GLY A 214 6.89 -11.27 11.48
CA GLY A 214 7.21 -12.18 12.58
C GLY A 214 7.70 -13.51 12.05
N PHE A 215 7.00 -14.05 11.06
CA PHE A 215 7.39 -15.26 10.43
C PHE A 215 8.75 -15.12 9.77
N LEU A 216 9.02 -14.00 9.09
CA LEU A 216 10.35 -13.81 8.50
C LEU A 216 11.47 -13.81 9.49
N LYS A 217 11.24 -13.13 10.60
CA LYS A 217 12.25 -13.04 11.61
C LYS A 217 12.54 -14.40 12.23
N GLU A 218 11.52 -15.22 12.32
CA GLU A 218 11.62 -16.53 12.91
C GLU A 218 12.39 -17.44 11.98
N TYR A 219 12.10 -17.32 10.70
CA TYR A 219 12.82 -18.06 9.69
C TYR A 219 14.31 -17.70 9.75
N HIS A 220 14.60 -16.40 9.80
CA HIS A 220 15.95 -15.89 9.83
C HIS A 220 16.71 -16.36 11.07
N SER A 221 16.01 -16.44 12.20
CA SER A 221 16.63 -16.91 13.46
C SER A 221 17.11 -18.36 13.37
N LYS A 222 16.51 -19.16 12.50
CA LYS A 222 16.80 -20.59 12.41
C LYS A 222 17.87 -20.93 11.39
N LYS A 223 17.96 -20.11 10.33
CA LYS A 223 18.67 -20.49 9.11
C LYS A 223 19.36 -19.28 8.47
N LYS A 224 20.63 -19.41 8.10
CA LYS A 224 21.27 -18.37 7.28
C LYS A 224 20.73 -18.42 5.84
N PHE A 225 20.50 -17.23 5.25
CA PHE A 225 20.08 -17.12 3.82
C PHE A 225 20.44 -15.73 3.26
N THR A 226 20.22 -15.54 1.97
CA THR A 226 20.64 -14.29 1.29
C THR A 226 19.38 -13.70 0.66
N SER A 227 19.18 -12.40 0.79
CA SER A 227 17.99 -11.78 0.27
C SER A 227 18.11 -10.34 -0.17
N LEU A 228 17.16 -9.98 -1.03
CA LEU A 228 16.96 -8.62 -1.51
C LEU A 228 15.51 -8.30 -1.32
N TYR A 229 15.24 -7.29 -0.52
CA TYR A 229 13.90 -6.89 -0.12
C TYR A 229 13.60 -5.56 -0.78
N ILE A 230 12.53 -5.53 -1.56
CA ILE A 230 12.19 -4.33 -2.32
C ILE A 230 10.94 -3.67 -1.77
N THR A 231 11.05 -2.37 -1.47
CA THR A 231 9.97 -1.63 -0.87
C THR A 231 10.05 -0.14 -1.20
N HIS A 232 8.90 0.52 -1.04
CA HIS A 232 8.83 1.98 -1.00
C HIS A 232 8.46 2.49 0.37
N ARG A 233 8.37 1.61 1.38
CA ARG A 233 7.94 2.02 2.71
C ARG A 233 8.92 1.59 3.78
N PRO A 234 9.68 2.53 4.35
CA PRO A 234 10.70 2.17 5.33
C PRO A 234 10.18 1.37 6.50
N GLU A 235 8.93 1.57 6.88
CA GLU A 235 8.37 0.84 8.04
C GLU A 235 8.18 -0.65 7.84
N GLU A 236 8.26 -1.11 6.60
CA GLU A 236 8.12 -2.51 6.23
C GLU A 236 9.40 -3.32 6.33
N ILE A 237 10.50 -2.69 6.75
CA ILE A 237 11.82 -3.32 6.66
C ILE A 237 12.18 -3.99 7.98
N PRO A 238 12.33 -5.32 8.00
CA PRO A 238 12.70 -5.97 9.25
C PRO A 238 14.10 -5.61 9.73
N ASP A 239 14.34 -5.83 11.02
CA ASP A 239 15.62 -5.51 11.61
C ASP A 239 16.85 -6.24 11.10
N PHE A 240 16.71 -7.39 10.46
CA PHE A 240 17.91 -8.10 10.04
C PHE A 240 18.54 -7.60 8.71
N TYR A 241 17.89 -6.63 8.06
CA TYR A 241 18.44 -5.98 6.86
C TYR A 241 19.58 -5.07 7.25
N SER A 242 20.77 -5.38 6.77
CA SER A 242 21.96 -4.65 7.19
C SER A 242 22.57 -3.71 6.14
N LYS A 243 22.13 -3.84 4.89
CA LYS A 243 22.68 -3.06 3.75
C LYS A 243 21.49 -2.51 3.00
N ALA A 244 21.68 -1.40 2.28
CA ALA A 244 20.58 -0.86 1.48
C ALA A 244 21.15 -0.22 0.21
N VAL A 245 20.25 -0.14 -0.75
CA VAL A 245 20.47 0.60 -1.97
C VAL A 245 19.28 1.55 -2.07
N LEU A 246 19.53 2.85 -2.28
CA LEU A 246 18.48 3.85 -2.38
C LEU A 246 18.40 4.21 -3.88
N LEU A 247 17.20 4.07 -4.44
CA LEU A 247 16.98 4.19 -5.87
C LEU A 247 15.98 5.30 -6.16
N LYS A 248 16.35 6.18 -7.10
CA LYS A 248 15.56 7.34 -7.44
C LYS A 248 15.77 7.64 -8.94
N GLU A 249 14.68 7.54 -9.68
CA GLU A 249 14.74 7.82 -11.16
C GLU A 249 15.79 6.98 -11.87
N GLY A 250 15.83 5.69 -11.55
CA GLY A 250 16.80 4.77 -12.09
C GLY A 250 18.25 4.85 -11.67
N LYS A 251 18.54 5.63 -10.66
CA LYS A 251 19.92 5.80 -10.23
C LYS A 251 20.07 5.49 -8.76
N VAL A 252 21.24 5.00 -8.42
CA VAL A 252 21.56 4.69 -7.03
C VAL A 252 22.00 6.01 -6.36
N ILE A 253 21.21 6.46 -5.38
CA ILE A 253 21.43 7.69 -4.56
C ILE A 253 22.53 7.34 -3.51
N HIS A 254 22.47 6.15 -2.94
CA HIS A 254 23.50 5.65 -2.00
C HIS A 254 23.39 4.12 -1.89
N PHE A 255 24.52 3.46 -1.67
CA PHE A 255 24.60 2.05 -1.42
C PHE A 255 25.55 1.89 -0.24
N GLY A 256 25.15 1.12 0.76
CA GLY A 256 26.06 0.80 1.87
C GLY A 256 25.37 0.22 3.09
N PRO A 257 26.07 0.23 4.24
CA PRO A 257 25.43 -0.21 5.48
C PRO A 257 24.16 0.57 5.67
N ILE A 258 23.12 -0.10 6.14
CA ILE A 258 21.82 0.55 6.23
C ILE A 258 21.86 1.82 7.11
N GLU A 259 22.61 1.84 8.21
CA GLU A 259 22.66 3.06 9.04
C GLU A 259 23.25 4.26 8.29
N GLU A 260 24.16 3.97 7.36
CA GLU A 260 24.77 5.01 6.53
C GLU A 260 23.75 5.47 5.52
N CYS A 261 23.02 4.52 4.89
CA CYS A 261 22.01 4.94 3.91
C CYS A 261 20.83 5.66 4.52
N PHE A 262 20.44 5.27 5.73
CA PHE A 262 19.22 5.78 6.33
C PHE A 262 19.46 6.93 7.26
N THR A 263 20.44 7.77 6.96
CA THR A 263 20.58 9.06 7.67
C THR A 263 19.54 10.03 7.14
N GLU A 264 19.16 11.01 7.96
CA GLU A 264 18.27 12.07 7.51
C GLU A 264 18.75 12.70 6.22
N LYS A 265 20.05 12.95 6.07
CA LYS A 265 20.52 13.55 4.83
C LYS A 265 20.29 12.72 3.55
N ASN A 266 20.65 11.45 3.61
CA ASN A 266 20.51 10.52 2.46
C ASN A 266 19.00 10.26 2.14
N LEU A 267 18.17 10.12 3.18
CA LEU A 267 16.73 9.99 2.96
C LEU A 267 16.07 11.28 2.46
N GLU A 268 16.52 12.44 2.95
CA GLU A 268 16.00 13.71 2.40
C GLU A 268 16.42 13.87 0.93
N ASP A 269 17.58 13.32 0.57
CA ASP A 269 18.00 13.35 -0.81
C ASP A 269 17.11 12.41 -1.63
N LEU A 270 16.72 11.28 -1.05
CA LEU A 270 15.86 10.36 -1.74
C LEU A 270 14.41 10.93 -1.93
N TYR A 271 13.89 11.49 -0.88
CA TYR A 271 12.49 11.83 -0.78
C TYR A 271 12.23 13.32 -1.10
N ASP A 272 13.30 14.12 -1.15
CA ASP A 272 13.19 15.55 -1.51
C ASP A 272 12.41 16.44 -0.51
N ILE A 273 12.31 16.00 0.74
CA ILE A 273 11.67 16.78 1.77
C ILE A 273 12.34 16.57 3.09
N PRO A 274 12.18 17.55 4.00
CA PRO A 274 12.70 17.40 5.31
C PRO A 274 12.00 16.25 6.04
N LEU A 275 12.80 15.43 6.71
CA LEU A 275 12.35 14.22 7.37
C LEU A 275 12.89 14.12 8.77
N GLN A 276 12.11 13.44 9.59
CA GLN A 276 12.49 13.07 10.93
C GLN A 276 12.66 11.55 10.84
N VAL A 277 13.89 11.08 11.07
CA VAL A 277 14.22 9.67 10.95
C VAL A 277 14.63 9.12 12.29
N GLN A 278 14.02 8.02 12.70
CA GLN A 278 14.40 7.44 13.99
C GLN A 278 14.03 5.99 14.06
N ARG A 279 14.49 5.33 15.10
CA ARG A 279 14.09 3.97 15.35
C ARG A 279 13.12 3.86 16.50
N ILE A 280 12.01 3.16 16.25
CA ILE A 280 10.99 2.99 17.28
C ILE A 280 10.60 1.54 17.29
N GLU A 281 10.65 0.90 18.46
CA GLU A 281 10.37 -0.54 18.57
C GLU A 281 11.04 -1.39 17.49
N ASN A 282 12.32 -1.15 17.26
CA ASN A 282 13.02 -1.99 16.28
C ASN A 282 12.48 -1.85 14.83
N THR A 283 11.87 -0.70 14.53
CA THR A 283 11.39 -0.39 13.18
C THR A 283 11.91 1.00 12.79
N TRP A 284 12.02 1.24 11.47
CA TRP A 284 12.44 2.53 10.98
C TRP A 284 11.21 3.41 10.88
N SER A 285 11.24 4.59 11.50
CA SER A 285 10.21 5.63 11.40
C SER A 285 10.79 6.76 10.60
N VAL A 286 10.17 7.05 9.46
CA VAL A 286 10.60 8.13 8.57
C VAL A 286 9.34 9.02 8.30
N ILE A 287 9.33 10.18 8.93
CA ILE A 287 8.14 11.03 8.99
C ILE A 287 8.51 12.43 8.53
N PRO A 288 7.75 12.98 7.61
CA PRO A 288 7.94 14.33 7.12
C PRO A 288 7.91 15.35 8.23
N LYS A 289 8.82 16.31 8.18
CA LYS A 289 8.75 17.42 9.13
C LYS A 289 7.66 18.44 8.75
N GLN A 290 7.05 19.05 9.75
CA GLN A 290 5.99 20.06 9.50
C GLN A 290 6.57 21.38 8.97
N ASN B 32 -27.49 21.22 13.26
CA ASN B 32 -26.34 21.24 12.29
C ASN B 32 -25.65 19.87 12.09
N SER B 33 -26.34 18.78 12.45
CA SER B 33 -25.98 17.41 12.01
C SER B 33 -26.04 17.33 10.48
N LEU B 34 -24.97 16.92 9.82
CA LEU B 34 -25.01 16.79 8.36
C LEU B 34 -25.21 15.31 8.01
N LEU B 35 -24.44 14.42 8.61
CA LEU B 35 -24.66 12.97 8.39
C LEU B 35 -24.87 12.35 9.73
N SER B 36 -25.92 11.55 9.86
CA SER B 36 -26.22 10.85 11.09
C SER B 36 -26.59 9.39 10.84
N LEU B 37 -25.94 8.46 11.54
CA LEU B 37 -26.27 7.04 11.47
C LEU B 37 -26.68 6.64 12.86
N GLU B 38 -27.83 6.01 12.97
CA GLU B 38 -28.28 5.57 14.29
C GLU B 38 -28.61 4.10 14.20
N LYS B 39 -27.76 3.27 14.83
CA LYS B 39 -27.93 1.82 14.81
C LYS B 39 -28.14 1.20 13.46
N ILE B 40 -27.38 1.68 12.48
CA ILE B 40 -27.38 1.11 11.13
C ILE B 40 -26.77 -0.29 11.04
N SER B 41 -27.57 -1.22 10.52
CA SER B 41 -27.16 -2.59 10.29
C SER B 41 -27.42 -3.01 8.85
N TYR B 42 -26.60 -3.95 8.39
CA TYR B 42 -26.69 -4.47 7.05
C TYR B 42 -26.46 -5.97 7.11
N LYS B 43 -27.54 -6.71 6.88
CA LYS B 43 -27.56 -8.16 6.90
C LYS B 43 -28.35 -8.68 5.69
N PRO B 44 -27.76 -8.67 4.48
CA PRO B 44 -28.62 -8.95 3.35
C PRO B 44 -28.91 -10.45 3.17
N THR B 45 -28.02 -11.32 3.61
CA THR B 45 -28.21 -12.77 3.44
C THR B 45 -27.77 -13.54 4.69
N GLY B 46 -28.42 -13.28 5.80
CA GLY B 46 -28.15 -14.06 7.01
C GLY B 46 -26.81 -13.85 7.73
N LYS B 47 -25.88 -13.11 7.15
CA LYS B 47 -24.64 -12.73 7.84
C LYS B 47 -24.59 -11.23 8.06
N THR B 48 -24.33 -10.82 9.28
CA THR B 48 -24.34 -9.42 9.63
C THR B 48 -23.05 -8.80 9.18
N ILE B 49 -23.10 -7.92 8.19
CA ILE B 49 -21.91 -7.28 7.67
C ILE B 49 -21.59 -5.94 8.38
N LEU B 50 -22.64 -5.18 8.71
CA LEU B 50 -22.56 -4.03 9.53
C LEU B 50 -23.53 -4.21 10.67
N ASP B 51 -23.07 -3.89 11.87
CA ASP B 51 -23.81 -4.21 13.07
C ASP B 51 -24.04 -2.99 13.94
N SER B 52 -25.25 -2.46 13.87
CA SER B 52 -25.67 -1.36 14.77
C SER B 52 -24.68 -0.16 14.84
N VAL B 53 -24.30 0.32 13.66
CA VAL B 53 -23.36 1.42 13.51
C VAL B 53 -23.97 2.77 13.82
N SER B 54 -23.35 3.49 14.76
CA SER B 54 -23.81 4.84 15.07
C SER B 54 -22.66 5.83 15.13
N PHE B 55 -22.84 6.94 14.43
CA PHE B 55 -21.99 8.10 14.52
C PHE B 55 -22.64 9.27 13.82
N GLU B 56 -22.01 10.44 13.90
CA GLU B 56 -22.52 11.63 13.29
C GLU B 56 -21.39 12.56 12.82
N ILE B 57 -21.62 13.26 11.74
CA ILE B 57 -20.68 14.26 11.27
C ILE B 57 -21.46 15.57 11.16
N LYS B 58 -21.03 16.59 11.89
CA LYS B 58 -21.65 17.91 11.75
C LYS B 58 -21.10 18.67 10.59
N THR B 59 -21.85 19.68 10.19
CA THR B 59 -21.45 20.54 9.11
C THR B 59 -20.05 21.11 9.39
N ASN B 60 -19.20 21.03 8.38
CA ASN B 60 -17.84 21.53 8.43
C ASN B 60 -16.93 20.74 9.33
N GLU B 61 -17.35 19.54 9.72
CA GLU B 61 -16.47 18.62 10.44
C GLU B 61 -15.76 17.65 9.49
N HIS B 62 -14.64 17.16 9.95
CA HIS B 62 -13.83 16.19 9.25
C HIS B 62 -13.57 14.97 10.13
N CYS B 63 -14.14 13.84 9.68
CA CYS B 63 -14.17 12.62 10.40
C CYS B 63 -13.38 11.52 9.65
N VAL B 64 -12.66 10.71 10.40
CA VAL B 64 -11.99 9.54 9.86
C VAL B 64 -12.73 8.27 10.17
N LEU B 65 -12.75 7.36 9.20
CA LEU B 65 -13.23 5.99 9.40
C LEU B 65 -12.00 5.14 9.29
N LEU B 66 -11.55 4.61 10.42
CA LEU B 66 -10.35 3.76 10.52
C LEU B 66 -10.67 2.33 10.82
N GLY B 67 -10.16 1.42 10.01
CA GLY B 67 -10.31 0.02 10.34
C GLY B 67 -9.42 -0.84 9.51
N ARG B 68 -9.21 -2.06 9.99
CA ARG B 68 -8.44 -3.06 9.25
C ARG B 68 -9.01 -3.28 7.85
N ASN B 69 -8.20 -3.85 6.96
CA ASN B 69 -8.67 -4.47 5.73
C ASN B 69 -9.71 -5.49 6.14
N GLY B 70 -10.86 -5.42 5.48
CA GLY B 70 -11.97 -6.33 5.72
C GLY B 70 -12.90 -5.94 6.84
N ALA B 71 -12.72 -4.77 7.43
CA ALA B 71 -13.60 -4.30 8.50
C ALA B 71 -15.04 -3.90 8.15
N GLY B 72 -15.35 -3.82 6.87
CA GLY B 72 -16.63 -3.31 6.39
C GLY B 72 -16.69 -1.85 5.94
N LYS B 73 -15.54 -1.20 5.78
CA LYS B 73 -15.50 0.20 5.43
C LYS B 73 -16.13 0.44 4.04
N SER B 74 -15.77 -0.37 3.05
CA SER B 74 -16.32 -0.18 1.69
CA SER B 74 -16.33 -0.19 1.70
C SER B 74 -17.84 -0.37 1.72
N THR B 75 -18.34 -1.32 2.51
CA THR B 75 -19.79 -1.51 2.62
C THR B 75 -20.49 -0.31 3.21
N LEU B 76 -19.88 0.26 4.24
CA LEU B 76 -20.44 1.41 4.88
C LEU B 76 -20.49 2.61 3.95
N VAL B 77 -19.45 2.78 3.14
CA VAL B 77 -19.43 3.83 2.14
C VAL B 77 -20.54 3.60 1.13
N ASN B 78 -20.68 2.35 0.68
CA ASN B 78 -21.80 2.03 -0.23
C ASN B 78 -23.16 2.39 0.32
N LEU B 79 -23.36 2.16 1.61
CA LEU B 79 -24.60 2.48 2.22
C LEU B 79 -24.81 4.01 2.33
N ILE B 80 -23.79 4.71 2.78
CA ILE B 80 -23.84 6.18 2.86
C ILE B 80 -24.14 6.79 1.48
N TYR B 81 -23.65 6.16 0.41
CA TYR B 81 -23.82 6.69 -0.92
C TYR B 81 -25.09 6.14 -1.57
N GLY B 82 -25.89 5.39 -0.84
CA GLY B 82 -27.21 5.00 -1.33
C GLY B 82 -27.23 3.86 -2.32
N MET B 83 -26.15 3.09 -2.39
CA MET B 83 -26.08 1.95 -3.29
C MET B 83 -26.67 0.70 -2.65
N ILE B 84 -26.77 0.67 -1.32
CA ILE B 84 -27.41 -0.43 -0.61
C ILE B 84 -28.25 0.14 0.50
N TRP B 85 -29.36 -0.51 0.79
CA TRP B 85 -30.23 -0.08 1.89
C TRP B 85 -29.86 -0.77 3.18
N ALA B 86 -29.83 -0.01 4.28
CA ALA B 86 -29.71 -0.60 5.60
C ALA B 86 -30.86 -1.59 5.83
N THR B 87 -30.59 -2.64 6.59
CA THR B 87 -31.61 -3.61 7.00
C THR B 87 -32.25 -3.20 8.31
N SER B 88 -31.62 -2.31 9.05
CA SER B 88 -32.27 -1.63 10.17
C SER B 88 -31.47 -0.39 10.56
N GLY B 89 -32.07 0.45 11.40
CA GLY B 89 -31.51 1.73 11.82
C GLY B 89 -31.95 2.88 10.93
N THR B 90 -31.42 4.07 11.20
CA THR B 90 -31.83 5.25 10.51
C THR B 90 -30.59 5.98 10.10
N ILE B 91 -30.58 6.40 8.84
CA ILE B 91 -29.51 7.26 8.31
C ILE B 91 -30.13 8.55 7.75
N ARG B 92 -29.53 9.69 8.07
CA ARG B 92 -30.02 10.98 7.69
C ARG B 92 -28.97 11.88 7.08
N LEU B 93 -29.35 12.60 6.04
CA LEU B 93 -28.56 13.71 5.51
C LEU B 93 -29.30 15.01 5.86
N PHE B 94 -28.64 15.85 6.65
CA PHE B 94 -29.30 16.96 7.35
C PHE B 94 -30.53 16.40 8.10
N GLN B 95 -31.69 16.95 7.86
CA GLN B 95 -32.84 16.51 8.64
C GLN B 95 -33.54 15.30 8.04
N GLU B 96 -33.15 14.90 6.84
CA GLU B 96 -33.94 13.97 6.05
C GLU B 96 -33.41 12.55 6.17
N THR B 97 -34.27 11.60 6.50
CA THR B 97 -33.94 10.19 6.34
C THR B 97 -33.72 9.91 4.87
N TYR B 98 -32.95 8.86 4.60
CA TYR B 98 -32.66 8.53 3.19
C TYR B 98 -33.94 8.13 2.40
N GLY B 99 -34.89 7.56 3.13
CA GLY B 99 -36.23 7.31 2.58
C GLY B 99 -36.91 8.54 1.96
N GLU B 100 -36.54 9.74 2.43
CA GLU B 100 -37.17 10.99 1.98
C GLU B 100 -36.52 11.64 0.79
N ILE B 101 -35.41 11.11 0.32
CA ILE B 101 -34.60 11.75 -0.71
C ILE B 101 -34.47 10.82 -1.88
N ALA B 102 -34.74 11.31 -3.07
CA ALA B 102 -34.47 10.53 -4.27
C ALA B 102 -33.00 10.23 -4.30
N ILE B 103 -32.66 8.96 -4.45
CA ILE B 103 -31.27 8.56 -4.39
C ILE B 103 -30.42 9.32 -5.42
N GLN B 104 -30.93 9.62 -6.62
CA GLN B 104 -30.10 10.36 -7.58
C GLN B 104 -29.74 11.78 -7.08
N ASP B 105 -30.63 12.37 -6.29
CA ASP B 105 -30.40 13.68 -5.68
C ASP B 105 -29.36 13.55 -4.56
N LEU B 106 -29.55 12.57 -3.68
CA LEU B 106 -28.54 12.26 -2.65
C LEU B 106 -27.13 12.12 -3.26
N ARG B 107 -27.02 11.35 -4.34
CA ARG B 107 -25.69 11.08 -4.90
C ARG B 107 -25.01 12.30 -5.50
N LYS B 108 -25.79 13.27 -5.93
CA LYS B 108 -25.24 14.51 -6.43
C LYS B 108 -24.69 15.36 -5.30
N ARG B 109 -25.28 15.21 -4.11
CA ARG B 109 -24.90 15.99 -2.97
C ARG B 109 -23.73 15.37 -2.15
N ILE B 110 -23.24 14.22 -2.60
CA ILE B 110 -22.09 13.53 -1.98
C ILE B 110 -21.00 13.27 -3.03
N GLY B 111 -19.82 13.82 -2.77
CA GLY B 111 -18.68 13.71 -3.65
C GLY B 111 -17.89 12.48 -3.23
N ILE B 112 -17.37 11.73 -4.19
CA ILE B 112 -16.50 10.60 -3.79
C ILE B 112 -15.15 10.68 -4.47
N LEU B 113 -14.06 10.62 -3.70
CA LEU B 113 -12.73 10.51 -4.25
C LEU B 113 -12.33 9.04 -4.05
N ASP B 114 -12.27 8.28 -5.12
CA ASP B 114 -11.65 6.95 -5.04
C ASP B 114 -11.02 6.58 -6.38
N SER B 115 -9.69 6.61 -6.37
CA SER B 115 -8.86 6.53 -7.58
C SER B 115 -9.03 5.27 -8.42
N SER B 116 -9.40 4.15 -7.79
CA SER B 116 -9.56 2.86 -8.47
C SER B 116 -10.39 2.97 -9.76
N GLN B 117 -11.24 4.00 -9.82
CA GLN B 117 -11.79 4.50 -11.07
C GLN B 117 -10.79 5.52 -11.62
N ARG B 124 -9.00 7.04 -22.36
CA ARG B 124 -7.65 6.51 -22.38
C ARG B 124 -6.61 7.56 -22.02
N LYS B 125 -6.78 8.76 -22.58
CA LYS B 125 -5.74 9.79 -22.57
C LYS B 125 -6.28 11.21 -22.36
N LEU B 126 -6.96 11.45 -21.23
CA LEU B 126 -7.66 12.73 -20.99
C LEU B 126 -6.75 13.76 -20.35
N THR B 127 -7.09 15.04 -20.52
CA THR B 127 -6.35 16.14 -19.88
C THR B 127 -6.81 16.32 -18.43
N VAL B 128 -6.11 17.20 -17.74
CA VAL B 128 -6.51 17.63 -16.39
C VAL B 128 -7.98 18.09 -16.40
N LYS B 129 -8.27 19.13 -17.17
CA LYS B 129 -9.67 19.65 -17.36
C LYS B 129 -10.73 18.55 -17.63
N ASP B 130 -10.46 17.67 -18.60
CA ASP B 130 -11.48 16.69 -19.01
C ASP B 130 -11.74 15.65 -17.91
N THR B 131 -10.67 15.26 -17.20
CA THR B 131 -10.80 14.32 -16.09
C THR B 131 -11.77 14.89 -15.04
N ILE B 132 -11.63 16.17 -14.75
CA ILE B 132 -12.46 16.83 -13.75
C ILE B 132 -13.92 16.85 -14.23
N LEU B 133 -14.10 17.22 -15.49
CA LEU B 133 -15.41 17.21 -16.13
C LEU B 133 -16.10 15.85 -16.06
N THR B 134 -15.36 14.76 -15.99
CA THR B 134 -16.01 13.44 -15.88
C THR B 134 -16.78 13.28 -14.57
N GLY B 135 -16.47 14.10 -13.57
CA GLY B 135 -17.13 14.04 -12.27
C GLY B 135 -18.55 14.60 -12.23
N LEU B 136 -19.00 15.23 -13.32
CA LEU B 136 -20.36 15.83 -13.35
C LEU B 136 -21.54 14.81 -13.30
N ASP B 145 -22.11 15.56 -22.52
CA ASP B 145 -21.00 16.30 -23.12
C ASP B 145 -20.79 17.70 -22.52
N PRO B 146 -19.69 18.39 -22.92
CA PRO B 146 -19.28 19.54 -22.10
C PRO B 146 -20.04 20.82 -22.41
N SER B 147 -20.95 21.19 -21.52
CA SER B 147 -21.63 22.48 -21.63
C SER B 147 -20.60 23.53 -21.31
N PRO B 148 -20.75 24.75 -21.88
CA PRO B 148 -19.91 25.91 -21.55
C PRO B 148 -19.88 26.29 -20.08
N GLU B 149 -21.04 26.33 -19.44
CA GLU B 149 -21.08 26.69 -18.04
C GLU B 149 -20.18 25.74 -17.22
N GLU B 150 -20.26 24.46 -17.54
CA GLU B 150 -19.46 23.41 -16.90
C GLU B 150 -17.95 23.65 -17.11
N GLU B 151 -17.55 23.96 -18.35
CA GLU B 151 -16.15 24.30 -18.67
C GLU B 151 -15.62 25.48 -17.85
N THR B 152 -16.40 26.55 -17.76
CA THR B 152 -16.02 27.70 -16.95
C THR B 152 -15.84 27.28 -15.48
N LYS B 153 -16.75 26.45 -14.98
CA LYS B 153 -16.67 26.00 -13.58
C LYS B 153 -15.39 25.22 -13.30
N THR B 154 -15.08 24.28 -14.19
CA THR B 154 -13.85 23.51 -14.12
C THR B 154 -12.63 24.41 -14.05
N LEU B 155 -12.56 25.44 -14.88
CA LEU B 155 -11.37 26.32 -14.95
C LEU B 155 -11.25 27.18 -13.69
N GLN B 156 -12.38 27.53 -13.11
CA GLN B 156 -12.36 28.30 -11.88
C GLN B 156 -11.84 27.44 -10.72
N ILE B 157 -12.20 26.16 -10.72
CA ILE B 157 -11.78 25.24 -9.64
C ILE B 157 -10.28 25.02 -9.72
N LEU B 158 -9.78 24.90 -10.94
CA LEU B 158 -8.35 24.83 -11.20
C LEU B 158 -7.66 26.11 -10.77
N LYS B 159 -8.27 27.26 -11.05
CA LYS B 159 -7.67 28.55 -10.70
C LYS B 159 -7.61 28.74 -9.19
N ASP B 160 -8.70 28.43 -8.50
CA ASP B 160 -8.76 28.53 -7.03
C ASP B 160 -7.71 27.72 -6.30
N SER B 161 -7.19 26.68 -6.96
CA SER B 161 -6.19 25.80 -6.37
C SER B 161 -4.82 25.90 -7.05
N ASP B 162 -4.57 27.03 -7.72
CA ASP B 162 -3.22 27.32 -8.30
C ASP B 162 -2.74 26.22 -9.23
N LEU B 163 -3.63 25.74 -10.10
CA LEU B 163 -3.27 24.64 -11.01
C LEU B 163 -3.80 24.85 -12.42
N LEU B 164 -4.15 26.10 -12.74
CA LEU B 164 -4.69 26.43 -14.08
C LEU B 164 -3.67 26.11 -15.19
N SER B 165 -2.40 26.38 -14.92
CA SER B 165 -1.32 26.11 -15.87
C SER B 165 -1.29 24.65 -16.32
N LYS B 166 -1.91 23.75 -15.57
CA LYS B 166 -1.93 22.34 -15.95
C LYS B 166 -3.19 21.95 -16.72
N LYS B 167 -4.06 22.92 -16.96
CA LYS B 167 -5.38 22.70 -17.58
C LYS B 167 -5.32 21.66 -18.70
N ASP B 168 -4.29 21.75 -19.54
CA ASP B 168 -4.21 20.90 -20.72
C ASP B 168 -3.17 19.81 -20.65
N GLN B 169 -2.44 19.72 -19.54
CA GLN B 169 -1.51 18.61 -19.33
C GLN B 169 -2.31 17.32 -19.30
N LEU B 170 -1.78 16.27 -19.91
CA LEU B 170 -2.41 14.97 -19.86
C LEU B 170 -2.27 14.42 -18.43
N TYR B 171 -3.35 13.80 -17.95
CA TYR B 171 -3.44 13.27 -16.58
C TYR B 171 -2.35 12.24 -16.28
N ASN B 172 -2.04 11.41 -17.28
CA ASN B 172 -1.10 10.30 -17.12
C ASN B 172 0.36 10.73 -16.98
N THR B 173 0.63 12.01 -17.17
CA THR B 173 1.97 12.58 -17.01
C THR B 173 2.17 13.30 -15.67
N LEU B 174 1.09 13.43 -14.90
CA LEU B 174 1.18 14.07 -13.58
C LEU B 174 1.90 13.14 -12.63
N SER B 175 2.55 13.72 -11.62
CA SER B 175 3.11 12.93 -10.53
C SER B 175 1.98 12.20 -9.77
N SER B 176 2.33 11.14 -9.04
CA SER B 176 1.32 10.32 -8.41
C SER B 176 0.46 11.17 -7.44
N GLY B 177 1.09 12.09 -6.73
CA GLY B 177 0.37 12.99 -5.79
C GLY B 177 -0.53 13.99 -6.49
N GLU B 178 -0.03 14.57 -7.57
CA GLU B 178 -0.80 15.51 -8.39
C GLU B 178 -2.07 14.87 -8.98
N LYS B 179 -1.96 13.61 -9.40
CA LYS B 179 -3.14 12.85 -9.85
C LYS B 179 -4.23 12.83 -8.79
N LYS B 180 -3.84 12.62 -7.53
CA LYS B 180 -4.84 12.61 -6.46
C LYS B 180 -5.42 14.01 -6.23
N LYS B 181 -4.62 15.05 -6.38
CA LYS B 181 -5.14 16.43 -6.28
C LYS B 181 -6.23 16.66 -7.33
N ILE B 182 -5.96 16.24 -8.55
CA ILE B 182 -6.95 16.33 -9.62
C ILE B 182 -8.22 15.50 -9.36
N LEU B 183 -8.08 14.27 -8.87
CA LEU B 183 -9.26 13.49 -8.51
C LEU B 183 -10.04 14.13 -7.38
N PHE B 184 -9.35 14.83 -6.47
CA PHE B 184 -10.06 15.61 -5.46
C PHE B 184 -10.91 16.70 -6.12
N LEU B 185 -10.32 17.44 -7.05
CA LEU B 185 -11.09 18.47 -7.76
C LEU B 185 -12.28 17.90 -8.52
N ARG B 186 -12.09 16.75 -9.16
CA ARG B 186 -13.19 16.04 -9.82
C ARG B 186 -14.32 15.65 -8.82
N SER B 187 -13.94 15.34 -7.59
CA SER B 187 -14.91 14.92 -6.55
C SER B 187 -15.74 16.09 -6.04
N ILE B 188 -15.22 17.31 -6.17
CA ILE B 188 -15.93 18.48 -5.69
C ILE B 188 -16.50 19.34 -6.82
N VAL B 189 -16.39 18.85 -8.06
CA VAL B 189 -16.82 19.61 -9.22
C VAL B 189 -18.31 19.99 -9.08
N ASN B 190 -19.17 19.06 -8.64
CA ASN B 190 -20.61 19.33 -8.47
C ASN B 190 -20.98 20.09 -7.22
N GLU B 191 -20.00 20.62 -6.49
CA GLU B 191 -20.25 21.29 -5.22
C GLU B 191 -21.12 20.49 -4.23
N PRO B 192 -20.61 19.34 -3.78
CA PRO B 192 -21.39 18.51 -2.84
C PRO B 192 -21.49 19.10 -1.44
N ASP B 193 -22.47 18.66 -0.69
CA ASP B 193 -22.58 18.94 0.73
C ASP B 193 -21.44 18.24 1.55
N PHE B 194 -21.06 17.02 1.17
CA PHE B 194 -19.91 16.39 1.80
C PHE B 194 -19.18 15.46 0.89
N LEU B 195 -17.93 15.23 1.26
CA LEU B 195 -17.02 14.48 0.42
C LEU B 195 -16.53 13.24 1.17
N ILE B 196 -16.57 12.11 0.50
CA ILE B 196 -16.00 10.88 0.97
C ILE B 196 -14.68 10.64 0.25
N MET B 197 -13.60 10.50 1.01
CA MET B 197 -12.31 10.22 0.46
C MET B 197 -11.91 8.80 0.83
N ASP B 198 -11.98 7.94 -0.16
CA ASP B 198 -11.78 6.52 0.10
C ASP B 198 -10.33 6.10 -0.14
N GLU B 199 -9.53 6.01 0.92
CA GLU B 199 -8.10 5.67 0.84
C GLU B 199 -7.38 6.47 -0.26
N PRO B 200 -7.48 7.81 -0.22
CA PRO B 200 -6.89 8.62 -1.29
C PRO B 200 -5.36 8.54 -1.36
N CYS B 201 -4.68 8.14 -0.28
CA CYS B 201 -3.23 7.99 -0.33
C CYS B 201 -2.75 6.61 -0.78
N SER B 202 -3.65 5.72 -1.17
CA SER B 202 -3.28 4.39 -1.66
C SER B 202 -2.24 4.55 -2.77
N SER B 203 -1.13 3.83 -2.65
CA SER B 203 -0.15 3.80 -3.75
C SER B 203 0.60 5.11 -3.87
N LEU B 204 0.66 5.88 -2.79
CA LEU B 204 1.53 7.06 -2.81
C LEU B 204 2.67 6.73 -1.93
N ASP B 205 3.88 7.01 -2.42
CA ASP B 205 5.03 7.04 -1.54
C ASP B 205 5.03 8.26 -0.63
N LEU B 206 5.97 8.30 0.28
CA LEU B 206 6.08 9.38 1.24
C LEU B 206 6.02 10.81 0.70
N THR B 207 6.75 11.06 -0.38
CA THR B 207 6.83 12.39 -0.98
C THR B 207 5.47 12.79 -1.63
N ALA B 208 4.90 11.86 -2.40
CA ALA B 208 3.60 12.07 -3.02
C ALA B 208 2.47 12.25 -2.00
N ARG B 209 2.54 11.49 -0.92
CA ARG B 209 1.56 11.61 0.16
C ARG B 209 1.65 13.00 0.75
N GLU B 210 2.86 13.46 1.00
CA GLU B 210 3.02 14.81 1.55
C GLU B 210 2.53 15.90 0.61
N ASP B 211 2.74 15.71 -0.69
CA ASP B 211 2.28 16.63 -1.71
C ASP B 211 0.74 16.69 -1.67
N PHE B 212 0.08 15.53 -1.70
CA PHE B 212 -1.37 15.46 -1.68
C PHE B 212 -1.96 16.01 -0.39
N LEU B 213 -1.44 15.56 0.73
CA LEU B 213 -1.93 16.02 2.00
C LEU B 213 -1.69 17.52 2.19
N GLY B 214 -0.59 18.03 1.63
CA GLY B 214 -0.34 19.48 1.65
C GLY B 214 -1.36 20.28 0.86
N PHE B 215 -1.70 19.80 -0.33
CA PHE B 215 -2.80 20.34 -1.09
C PHE B 215 -4.16 20.28 -0.30
N LEU B 216 -4.46 19.16 0.36
CA LEU B 216 -5.66 19.08 1.21
C LEU B 216 -5.67 20.12 2.33
N LYS B 217 -4.55 20.23 3.02
CA LYS B 217 -4.45 21.16 4.13
C LYS B 217 -4.62 22.59 3.61
N GLU B 218 -4.13 22.88 2.42
CA GLU B 218 -4.27 24.21 1.86
C GLU B 218 -5.73 24.47 1.47
N TYR B 219 -6.38 23.47 0.86
CA TYR B 219 -7.80 23.58 0.48
C TYR B 219 -8.66 23.88 1.73
N HIS B 220 -8.36 23.16 2.82
CA HIS B 220 -9.06 23.30 4.09
C HIS B 220 -8.82 24.70 4.68
N SER B 221 -7.64 25.25 4.49
CA SER B 221 -7.37 26.58 5.08
C SER B 221 -8.16 27.64 4.30
N LYS B 222 -8.47 27.37 3.05
CA LYS B 222 -9.18 28.29 2.17
C LYS B 222 -10.68 28.14 2.07
N LYS B 223 -11.24 26.97 2.41
CA LYS B 223 -12.65 26.70 2.13
C LYS B 223 -13.24 25.77 3.18
N LYS B 224 -14.42 26.10 3.69
CA LYS B 224 -15.14 25.23 4.62
C LYS B 224 -15.79 24.11 3.80
N PHE B 225 -15.62 22.88 4.29
CA PHE B 225 -16.25 21.71 3.68
C PHE B 225 -16.44 20.63 4.76
N THR B 226 -17.15 19.56 4.40
CA THR B 226 -17.36 18.43 5.30
C THR B 226 -16.82 17.17 4.68
N SER B 227 -16.16 16.31 5.46
CA SER B 227 -15.58 15.07 4.87
C SER B 227 -15.51 13.88 5.79
N LEU B 228 -15.46 12.72 5.14
CA LEU B 228 -15.24 11.45 5.77
C LEU B 228 -14.07 10.83 5.04
N TYR B 229 -13.02 10.55 5.79
CA TYR B 229 -11.72 10.07 5.24
C TYR B 229 -11.53 8.63 5.64
N ILE B 230 -11.49 7.74 4.67
CA ILE B 230 -11.40 6.32 4.94
C ILE B 230 -9.99 5.77 4.76
N THR B 231 -9.50 5.09 5.78
CA THR B 231 -8.18 4.51 5.69
C THR B 231 -7.96 3.36 6.66
N HIS B 232 -6.91 2.57 6.43
CA HIS B 232 -6.45 1.61 7.44
C HIS B 232 -5.09 1.99 8.05
N ARG B 233 -4.54 3.12 7.65
CA ARG B 233 -3.19 3.56 8.04
C ARG B 233 -3.24 4.90 8.72
N PRO B 234 -3.09 4.93 10.07
CA PRO B 234 -3.20 6.20 10.76
C PRO B 234 -2.27 7.33 10.31
N GLU B 235 -1.12 6.99 9.77
CA GLU B 235 -0.17 8.00 9.24
C GLU B 235 -0.64 8.74 7.98
N GLU B 236 -1.72 8.27 7.33
CA GLU B 236 -2.25 8.94 6.16
C GLU B 236 -3.29 10.04 6.54
N ILE B 237 -3.51 10.27 7.83
CA ILE B 237 -4.58 11.17 8.25
C ILE B 237 -4.07 12.58 8.52
N PRO B 238 -4.58 13.59 7.80
CA PRO B 238 -4.14 14.98 8.06
C PRO B 238 -4.58 15.51 9.41
N ASP B 239 -3.92 16.56 9.87
CA ASP B 239 -4.10 17.14 11.20
C ASP B 239 -5.44 17.82 11.39
N PHE B 240 -6.12 18.17 10.32
CA PHE B 240 -7.43 18.80 10.49
C PHE B 240 -8.60 17.82 10.75
N TYR B 241 -8.37 16.51 10.71
CA TYR B 241 -9.42 15.55 11.15
C TYR B 241 -9.55 15.60 12.67
N SER B 242 -10.73 15.95 13.16
CA SER B 242 -10.94 16.10 14.60
C SER B 242 -11.75 14.96 15.24
N LYS B 243 -12.40 14.16 14.41
CA LYS B 243 -13.28 13.08 14.86
C LYS B 243 -12.87 11.76 14.17
N ALA B 244 -13.20 10.63 14.79
CA ALA B 244 -12.94 9.30 14.24
C ALA B 244 -14.04 8.32 14.60
N VAL B 245 -14.20 7.34 13.70
CA VAL B 245 -14.99 6.16 13.93
C VAL B 245 -14.04 4.99 13.74
N LEU B 246 -13.88 4.15 14.76
CA LEU B 246 -13.11 2.95 14.68
C LEU B 246 -14.02 1.77 14.38
N LEU B 247 -13.78 1.11 13.24
CA LEU B 247 -14.62 0.00 12.77
C LEU B 247 -13.88 -1.33 12.78
N LYS B 248 -14.45 -2.32 13.45
CA LYS B 248 -13.88 -3.65 13.51
C LYS B 248 -14.95 -4.68 13.26
N GLU B 249 -14.70 -5.51 12.25
CA GLU B 249 -15.64 -6.55 11.83
C GLU B 249 -17.07 -6.01 11.80
N GLY B 250 -17.25 -4.86 11.16
CA GLY B 250 -18.59 -4.25 11.01
C GLY B 250 -19.22 -3.55 12.17
N LYS B 251 -18.48 -3.45 13.29
CA LYS B 251 -18.96 -2.84 14.51
C LYS B 251 -18.13 -1.62 14.91
N VAL B 252 -18.74 -0.59 15.49
CA VAL B 252 -18.02 0.61 15.94
C VAL B 252 -17.41 0.27 17.33
N ILE B 253 -16.10 0.28 17.45
CA ILE B 253 -15.35 0.12 18.75
C ILE B 253 -15.50 1.37 19.58
N HIS B 254 -15.40 2.51 18.92
CA HIS B 254 -15.63 3.87 19.47
C HIS B 254 -15.77 4.92 18.38
N PHE B 255 -16.54 5.93 18.70
CA PHE B 255 -16.66 7.11 17.91
C PHE B 255 -16.52 8.29 18.82
N GLY B 256 -15.79 9.31 18.37
CA GLY B 256 -15.79 10.62 19.07
C GLY B 256 -14.59 11.41 18.64
N PRO B 257 -14.16 12.39 19.48
CA PRO B 257 -12.90 13.14 19.21
C PRO B 257 -11.72 12.19 18.96
N ILE B 258 -10.89 12.57 17.99
CA ILE B 258 -9.90 11.69 17.49
C ILE B 258 -8.88 11.28 18.58
N GLU B 259 -8.61 12.18 19.53
CA GLU B 259 -7.68 11.86 20.65
C GLU B 259 -8.26 10.82 21.59
N GLU B 260 -9.58 10.84 21.75
CA GLU B 260 -10.31 9.81 22.48
C GLU B 260 -10.29 8.45 21.77
N CYS B 261 -10.43 8.44 20.45
CA CYS B 261 -10.41 7.18 19.75
C CYS B 261 -9.03 6.60 19.64
N PHE B 262 -8.03 7.45 19.45
CA PHE B 262 -6.69 6.96 19.14
C PHE B 262 -5.85 6.73 20.40
N THR B 263 -6.48 6.24 21.45
CA THR B 263 -5.73 5.80 22.62
C THR B 263 -5.05 4.53 22.28
N GLU B 264 -3.95 4.23 22.96
CA GLU B 264 -3.36 2.90 22.88
C GLU B 264 -4.36 1.78 23.04
N LYS B 265 -5.20 1.86 24.05
CA LYS B 265 -6.15 0.80 24.28
C LYS B 265 -7.13 0.60 23.10
N ASN B 266 -7.69 1.67 22.61
CA ASN B 266 -8.69 1.56 21.52
C ASN B 266 -8.02 1.05 20.22
N LEU B 267 -6.78 1.46 19.97
CA LEU B 267 -6.06 1.01 18.74
C LEU B 267 -5.61 -0.40 18.89
N GLU B 268 -5.23 -0.82 20.10
CA GLU B 268 -4.94 -2.23 20.32
C GLU B 268 -6.15 -3.10 20.13
N ASP B 269 -7.33 -2.62 20.52
CA ASP B 269 -8.56 -3.40 20.31
C ASP B 269 -8.80 -3.49 18.82
N LEU B 270 -8.52 -2.39 18.11
CA LEU B 270 -8.73 -2.40 16.66
C LEU B 270 -7.80 -3.35 15.89
N TYR B 271 -6.50 -3.28 16.19
CA TYR B 271 -5.49 -4.02 15.47
C TYR B 271 -5.10 -5.38 16.09
N ASP B 272 -5.57 -5.64 17.30
CA ASP B 272 -5.34 -6.93 18.01
C ASP B 272 -3.87 -7.20 18.32
N ILE B 273 -3.06 -6.15 18.45
CA ILE B 273 -1.68 -6.32 18.84
C ILE B 273 -1.27 -5.15 19.67
N PRO B 274 -0.26 -5.33 20.52
CA PRO B 274 0.25 -4.20 21.28
C PRO B 274 0.87 -3.15 20.35
N LEU B 275 0.67 -1.89 20.68
CA LEU B 275 1.06 -0.77 19.84
C LEU B 275 1.67 0.32 20.65
N GLN B 276 2.60 1.03 20.01
CA GLN B 276 3.09 2.32 20.50
C GLN B 276 2.47 3.42 19.67
N VAL B 277 1.67 4.26 20.33
CA VAL B 277 0.95 5.34 19.70
C VAL B 277 1.49 6.66 20.19
N GLN B 278 1.80 7.55 19.27
CA GLN B 278 2.28 8.87 19.62
C GLN B 278 2.12 9.80 18.46
N ARG B 279 2.35 11.08 18.71
CA ARG B 279 2.30 12.04 17.63
C ARG B 279 3.68 12.54 17.33
N ILE B 280 4.07 12.48 16.07
CA ILE B 280 5.39 12.94 15.66
C ILE B 280 5.19 13.90 14.52
N GLU B 281 5.67 15.12 14.68
CA GLU B 281 5.59 16.13 13.63
C GLU B 281 4.14 16.34 13.18
N ASN B 282 3.23 16.39 14.13
CA ASN B 282 1.84 16.55 13.75
C ASN B 282 1.32 15.43 12.78
N THR B 283 1.87 14.21 12.90
CA THR B 283 1.29 13.00 12.30
C THR B 283 1.06 11.97 13.37
N TRP B 284 0.23 10.96 13.06
CA TRP B 284 -0.03 9.90 14.00
C TRP B 284 0.96 8.80 13.67
N SER B 285 1.70 8.35 14.67
CA SER B 285 2.61 7.25 14.56
C SER B 285 2.09 6.08 15.39
N VAL B 286 1.80 4.99 14.70
CA VAL B 286 1.23 3.78 15.32
C VAL B 286 2.09 2.61 14.89
N ILE B 287 2.90 2.10 15.82
CA ILE B 287 3.92 1.12 15.52
C ILE B 287 3.77 -0.06 16.46
N PRO B 288 3.81 -1.27 15.92
CA PRO B 288 3.72 -2.44 16.77
C PRO B 288 4.86 -2.55 17.81
N LYS B 289 4.51 -3.00 19.01
CA LYS B 289 5.51 -3.18 20.06
C LYS B 289 6.29 -4.44 19.75
N GLN B 290 7.55 -4.51 20.21
CA GLN B 290 8.48 -5.59 19.82
C GLN B 290 8.04 -6.99 20.21
#